data_6QR0
#
_entry.id   6QR0
#
_cell.length_a   74.920
_cell.length_b   77.170
_cell.length_c   87.150
_cell.angle_alpha   90.000
_cell.angle_beta   90.000
_cell.angle_gamma   90.000
#
_symmetry.space_group_name_H-M   'P 21 21 21'
#
loop_
_entity.id
_entity.type
_entity.pdbx_description
1 polymer 'tRNA (guanine-N(1)-)-methyltransferase'
2 non-polymer 5-azanyl-3-[1-(pyridin-4-ylmethyl)indol-6-yl]-1~{H}-pyrazole-4-carbonitrile
3 non-polymer 'SULFATE ION'
4 water water
#
_entity_poly.entity_id   1
_entity_poly.type   'polypeptide(L)'
_entity_poly.pdbx_seq_one_letter_code
;GSMKIDVVTIFPEYLQPVRQSLPGKAIDAGLVDVAVHDLRRWTHDVHKSVDDSPYGGGPGMVMKPTVWGDALDEICTSET
LLVVPTPAGYPFTQETAWQWSTEDHLVIACGRYEGIDQRVADDAATRMRVREVSIGDYVLNGGEAAALVIIEAVLRLVPG
VLGNALSAQEDSHSEGMASLLEGPSYTRPPSWRGMDVPPVLLSGDHAKIAAWRAEQSRQRTIERRPDLLGFDSPTGEHGG
DGLS
;
_entity_poly.pdbx_strand_id   A,B
#
loop_
_chem_comp.id
_chem_comp.type
_chem_comp.name
_chem_comp.formula
JFB non-polymer 5-azanyl-3-[1-(pyridin-4-ylmethyl)indol-6-yl]-1~{H}-pyrazole-4-carbonitrile 'C18 H14 N6'
SO4 non-polymer 'SULFATE ION' 'O4 S -2'
#
# COMPACT_ATOMS: atom_id res chain seq x y z
N SER A 2 -9.59 10.23 18.75
CA SER A 2 -8.92 11.52 18.59
C SER A 2 -7.44 11.34 18.24
N MET A 3 -7.12 11.38 16.96
CA MET A 3 -5.77 11.06 16.51
C MET A 3 -5.09 12.18 15.72
N LYS A 4 -3.83 12.45 16.07
CA LYS A 4 -2.98 13.32 15.27
C LYS A 4 -2.02 12.46 14.49
N ILE A 5 -1.91 12.73 13.19
CA ILE A 5 -0.91 12.06 12.37
C ILE A 5 -0.02 13.11 11.72
N ASP A 6 1.28 13.01 11.97
CA ASP A 6 2.25 13.84 11.29
C ASP A 6 3.02 12.98 10.29
N VAL A 7 3.15 13.46 9.06
CA VAL A 7 3.91 12.74 8.05
C VAL A 7 5.09 13.61 7.65
N VAL A 8 6.30 13.03 7.63
CA VAL A 8 7.48 13.78 7.21
C VAL A 8 8.03 13.18 5.92
N THR A 9 8.27 14.03 4.92
CA THR A 9 8.57 13.57 3.57
C THR A 9 9.26 14.65 2.76
N ILE A 10 10.08 14.29 1.79
CA ILE A 10 10.59 15.31 0.86
C ILE A 10 9.62 15.56 -0.28
N PHE A 11 8.51 14.82 -0.31
CA PHE A 11 7.46 15.06 -1.31
C PHE A 11 6.10 15.27 -0.66
N PRO A 12 5.92 16.40 0.03
CA PRO A 12 4.65 16.61 0.73
C PRO A 12 3.42 16.56 -0.19
N GLU A 13 3.57 16.94 -1.46
CA GLU A 13 2.44 16.89 -2.39
C GLU A 13 1.89 15.47 -2.55
N TYR A 14 2.75 14.47 -2.35
CA TYR A 14 2.31 13.08 -2.49
C TYR A 14 1.21 12.73 -1.48
N LEU A 15 1.18 13.42 -0.35
CA LEU A 15 0.24 13.10 0.71
C LEU A 15 -1.09 13.83 0.54
N GLN A 16 -1.23 14.57 -0.55
CA GLN A 16 -2.46 15.29 -0.87
C GLN A 16 -3.74 14.42 -0.83
N PRO A 17 -3.69 13.17 -1.34
CA PRO A 17 -4.89 12.33 -1.26
C PRO A 17 -5.46 12.17 0.15
N VAL A 18 -4.59 12.17 1.16
CA VAL A 18 -5.04 11.98 2.53
C VAL A 18 -5.94 13.14 2.96
N ARG A 19 -5.45 14.36 2.80
CA ARG A 19 -6.22 15.54 3.13
C ARG A 19 -7.54 15.58 2.35
N GLN A 20 -7.51 15.07 1.13
CA GLN A 20 -8.70 14.99 0.29
C GLN A 20 -9.77 14.08 0.89
N SER A 21 -9.36 12.94 1.41
CA SER A 21 -10.31 11.92 1.85
C SER A 21 -10.86 12.17 3.24
N LEU A 22 -10.43 13.26 3.88
CA LEU A 22 -10.86 13.58 5.25
C LEU A 22 -12.13 14.43 5.27
N PRO A 23 -13.24 13.86 5.76
CA PRO A 23 -14.51 14.55 5.94
C PRO A 23 -14.41 15.74 6.89
N GLY A 24 -15.04 16.85 6.52
CA GLY A 24 -15.02 18.04 7.35
C GLY A 24 -15.58 17.80 8.74
N LYS A 25 -16.61 16.96 8.83
CA LYS A 25 -17.26 16.67 10.10
C LYS A 25 -16.31 16.03 11.11
N ALA A 26 -15.43 15.15 10.63
CA ALA A 26 -14.46 14.49 11.51
C ALA A 26 -13.40 15.48 12.01
N ILE A 27 -12.97 16.37 11.13
CA ILE A 27 -12.01 17.39 11.50
C ILE A 27 -12.64 18.40 12.46
N ASP A 28 -13.84 18.86 12.11
CA ASP A 28 -14.57 19.82 12.95
C ASP A 28 -14.87 19.26 14.33
N ALA A 29 -15.09 17.94 14.41
CA ALA A 29 -15.34 17.29 15.68
C ALA A 29 -14.04 17.00 16.43
N GLY A 30 -12.91 17.36 15.82
CA GLY A 30 -11.61 17.15 16.42
C GLY A 30 -11.26 15.68 16.57
N LEU A 31 -11.75 14.87 15.64
CA LEU A 31 -11.52 13.43 15.66
C LEU A 31 -10.18 13.08 15.05
N VAL A 32 -9.72 13.92 14.13
CA VAL A 32 -8.52 13.61 13.37
C VAL A 32 -7.85 14.89 12.87
N ASP A 33 -6.52 14.85 12.85
CA ASP A 33 -5.72 15.91 12.27
C ASP A 33 -4.52 15.26 11.58
N VAL A 34 -4.39 15.48 10.27
CA VAL A 34 -3.23 14.99 9.53
C VAL A 34 -2.43 16.19 9.06
N ALA A 35 -1.16 16.25 9.46
CA ALA A 35 -0.28 17.32 9.01
C ALA A 35 0.88 16.73 8.25
N VAL A 36 1.27 17.38 7.17
CA VAL A 36 2.36 16.89 6.35
C VAL A 36 3.49 17.91 6.38
N HIS A 37 4.72 17.44 6.57
CA HIS A 37 5.87 18.31 6.75
C HIS A 37 6.95 18.01 5.75
N ASP A 38 7.47 19.05 5.12
CA ASP A 38 8.61 18.92 4.20
C ASP A 38 9.86 18.71 5.02
N LEU A 39 10.51 17.56 4.83
CA LEU A 39 11.75 17.27 5.55
C LEU A 39 12.80 18.36 5.38
N ARG A 40 12.77 19.07 4.26
CA ARG A 40 13.85 20.04 3.99
C ARG A 40 13.79 21.24 4.92
N ARG A 41 12.69 21.39 5.65
CA ARG A 41 12.62 22.42 6.67
C ARG A 41 13.70 22.22 7.75
N TRP A 42 14.18 20.99 7.92
CA TRP A 42 15.20 20.71 8.92
C TRP A 42 16.61 20.50 8.34
N THR A 43 16.82 20.85 7.07
CA THR A 43 18.18 20.75 6.51
C THR A 43 19.08 21.85 7.07
N HIS A 44 20.39 21.65 6.96
CA HIS A 44 21.36 22.53 7.61
C HIS A 44 22.04 23.49 6.66
N ASP A 45 21.95 23.21 5.36
CA ASP A 45 22.79 23.89 4.39
C ASP A 45 21.99 24.58 3.31
N VAL A 46 22.68 25.44 2.58
CA VAL A 46 22.00 26.23 1.57
C VAL A 46 21.47 25.31 0.46
N HIS A 47 22.08 24.13 0.28
CA HIS A 47 21.65 23.21 -0.76
C HIS A 47 20.51 22.29 -0.31
N LYS A 48 20.04 22.49 0.93
CA LYS A 48 18.96 21.69 1.53
C LYS A 48 19.17 20.18 1.30
N SER A 49 20.36 19.71 1.67
CA SER A 49 20.77 18.34 1.44
C SER A 49 20.06 17.35 2.39
N VAL A 50 19.48 16.29 1.85
CA VAL A 50 18.83 15.31 2.70
C VAL A 50 19.47 13.93 2.60
N ASP A 51 20.44 13.78 1.70
CA ASP A 51 21.06 12.47 1.47
C ASP A 51 22.57 12.56 1.30
N ASP A 52 23.24 11.41 1.38
CA ASP A 52 24.69 11.35 1.34
C ASP A 52 25.09 9.92 1.02
N SER A 53 26.35 9.69 0.70
CA SER A 53 26.79 8.37 0.23
C SER A 53 26.85 7.33 1.35
N PRO A 54 26.58 6.05 1.01
CA PRO A 54 26.53 5.01 2.03
C PRO A 54 27.90 4.58 2.53
N TYR A 55 28.08 4.48 3.85
CA TYR A 55 29.30 3.87 4.39
C TYR A 55 29.36 2.41 3.96
N GLY A 56 30.55 1.94 3.61
CA GLY A 56 30.73 0.57 3.19
C GLY A 56 30.45 0.41 1.71
N GLY A 57 30.07 1.52 1.07
CA GLY A 57 29.87 1.56 -0.36
C GLY A 57 28.53 0.99 -0.80
N GLY A 58 28.41 0.85 -2.12
CA GLY A 58 27.18 0.35 -2.70
C GLY A 58 26.51 1.42 -3.54
N PRO A 59 25.42 1.04 -4.22
CA PRO A 59 24.66 1.97 -5.05
C PRO A 59 23.68 2.75 -4.22
N GLY A 60 23.20 3.86 -4.77
CA GLY A 60 22.18 4.63 -4.09
C GLY A 60 22.76 5.53 -3.01
N MET A 61 21.87 6.26 -2.37
CA MET A 61 22.21 7.20 -1.33
C MET A 61 21.44 6.88 -0.05
N VAL A 62 21.83 7.50 1.05
CA VAL A 62 21.23 7.25 2.36
C VAL A 62 20.78 8.58 2.97
N MET A 63 19.58 8.63 3.53
CA MET A 63 19.14 9.90 4.12
C MET A 63 19.91 10.22 5.39
N LYS A 64 20.26 11.49 5.51
CA LYS A 64 21.12 11.99 6.59
C LYS A 64 20.50 11.88 7.98
N PRO A 65 21.26 11.34 8.94
CA PRO A 65 20.72 11.27 10.30
C PRO A 65 20.53 12.63 10.97
N THR A 66 21.42 13.58 10.71
CA THR A 66 21.30 14.87 11.40
C THR A 66 20.01 15.63 11.04
N VAL A 67 19.60 15.55 9.77
CA VAL A 67 18.37 16.19 9.33
C VAL A 67 17.15 15.51 9.96
N TRP A 68 17.10 14.20 9.83
CA TRP A 68 15.98 13.44 10.41
C TRP A 68 15.92 13.55 11.93
N GLY A 69 17.08 13.55 12.58
CA GLY A 69 17.09 13.68 14.02
C GLY A 69 16.45 14.96 14.49
N ASP A 70 16.76 16.06 13.80
CA ASP A 70 16.16 17.35 14.14
C ASP A 70 14.66 17.36 13.90
N ALA A 71 14.23 16.78 12.77
CA ALA A 71 12.81 16.75 12.43
C ALA A 71 12.02 15.99 13.49
N LEU A 72 12.52 14.79 13.83
CA LEU A 72 11.80 13.97 14.80
C LEU A 72 11.88 14.54 16.23
N ASP A 73 12.98 15.19 16.56
CA ASP A 73 13.08 15.88 17.86
C ASP A 73 11.94 16.88 18.00
N GLU A 74 11.64 17.58 16.91
CA GLU A 74 10.63 18.64 16.99
C GLU A 74 9.22 18.08 17.02
N ILE A 75 8.98 17.06 16.19
CA ILE A 75 7.63 16.54 15.96
CA ILE A 75 7.63 16.56 15.98
C ILE A 75 7.19 15.50 17.00
N CYS A 76 8.13 14.65 17.42
CA CYS A 76 7.76 13.57 18.33
C CYS A 76 7.77 13.92 19.81
N THR A 77 7.00 13.18 20.59
CA THR A 77 7.13 13.20 22.04
C THR A 77 7.31 11.77 22.52
N SER A 78 7.47 11.59 23.84
CA SER A 78 7.59 10.26 24.40
C SER A 78 6.36 9.38 24.11
N GLU A 79 5.23 10.01 23.81
CA GLU A 79 3.99 9.27 23.59
C GLU A 79 3.75 8.89 22.13
N THR A 80 4.58 9.43 21.24
CA THR A 80 4.47 9.17 19.81
C THR A 80 4.69 7.71 19.45
N LEU A 81 3.88 7.20 18.52
CA LEU A 81 4.23 5.95 17.86
C LEU A 81 4.87 6.31 16.53
N LEU A 82 6.17 6.08 16.43
CA LEU A 82 6.90 6.44 15.22
C LEU A 82 6.87 5.28 14.26
N VAL A 83 6.29 5.53 13.09
CA VAL A 83 6.13 4.50 12.06
C VAL A 83 7.11 4.79 10.94
N VAL A 84 7.94 3.80 10.60
CA VAL A 84 8.95 3.97 9.56
C VAL A 84 8.75 2.91 8.49
N PRO A 85 8.10 3.28 7.38
CA PRO A 85 7.99 2.32 6.28
C PRO A 85 9.36 1.92 5.77
N THR A 86 9.53 0.63 5.46
CA THR A 86 10.78 0.13 4.88
C THR A 86 10.48 -1.22 4.27
N PRO A 87 11.14 -1.54 3.14
CA PRO A 87 10.94 -2.87 2.55
C PRO A 87 11.46 -3.97 3.49
N ALA A 88 12.32 -3.61 4.44
CA ALA A 88 12.80 -4.59 5.42
C ALA A 88 11.99 -4.61 6.71
N GLY A 89 10.79 -4.06 6.72
CA GLY A 89 10.04 -3.97 7.96
C GLY A 89 9.27 -5.22 8.33
N TYR A 90 8.78 -5.25 9.56
CA TYR A 90 7.77 -6.22 9.97
C TYR A 90 6.52 -6.00 9.12
N PRO A 91 5.79 -7.06 8.81
CA PRO A 91 4.60 -6.86 7.98
C PRO A 91 3.53 -6.01 8.64
N PHE A 92 3.07 -5.01 7.89
CA PHE A 92 1.88 -4.25 8.30
C PHE A 92 0.64 -5.04 7.92
N THR A 93 -0.18 -5.37 8.90
CA THR A 93 -1.41 -6.13 8.67
C THR A 93 -2.62 -5.46 9.28
N GLN A 94 -3.79 -6.07 9.08
CA GLN A 94 -5.01 -5.53 9.66
C GLN A 94 -4.96 -5.47 11.17
N GLU A 95 -4.29 -6.45 11.77
CA GLU A 95 -4.09 -6.46 13.22
C GLU A 95 -3.29 -5.24 13.66
N THR A 96 -2.26 -4.91 12.87
CA THR A 96 -1.48 -3.69 13.11
C THR A 96 -2.37 -2.46 13.04
N ALA A 97 -3.18 -2.38 11.98
CA ALA A 97 -4.06 -1.24 11.78
C ALA A 97 -5.01 -1.05 12.96
N TRP A 98 -5.57 -2.15 13.46
CA TRP A 98 -6.44 -2.10 14.62
C TRP A 98 -5.72 -1.57 15.84
N GLN A 99 -4.51 -2.08 16.08
CA GLN A 99 -3.73 -1.62 17.23
C GLN A 99 -3.44 -0.13 17.14
N TRP A 100 -3.06 0.34 15.96
CA TRP A 100 -2.66 1.73 15.81
C TRP A 100 -3.85 2.70 15.80
N SER A 101 -5.05 2.18 15.54
CA SER A 101 -6.21 3.06 15.43
C SER A 101 -6.59 3.74 16.75
N THR A 102 -6.06 3.27 17.87
CA THR A 102 -6.38 3.89 19.15
C THR A 102 -5.24 4.77 19.67
N GLU A 103 -4.20 4.94 18.86
CA GLU A 103 -3.08 5.82 19.23
C GLU A 103 -3.46 7.29 19.20
N ASP A 104 -2.91 8.07 20.13
CA ASP A 104 -3.11 9.52 20.13
C ASP A 104 -2.30 10.22 19.05
N HIS A 105 -1.11 9.69 18.76
CA HIS A 105 -0.18 10.40 17.91
C HIS A 105 0.67 9.44 17.09
N LEU A 106 0.47 9.41 15.79
CA LEU A 106 1.34 8.67 14.87
C LEU A 106 2.22 9.64 14.12
N VAL A 107 3.50 9.32 14.00
CA VAL A 107 4.39 10.08 13.15
C VAL A 107 4.92 9.11 12.12
N ILE A 108 4.76 9.42 10.85
CA ILE A 108 5.23 8.53 9.79
C ILE A 108 6.39 9.16 9.09
N ALA A 109 7.55 8.52 9.19
CA ALA A 109 8.79 9.04 8.61
C ALA A 109 9.03 8.38 7.27
N CYS A 110 8.82 9.14 6.19
CA CYS A 110 8.91 8.59 4.85
C CYS A 110 10.31 8.75 4.28
N GLY A 111 10.97 7.63 4.04
CA GLY A 111 12.27 7.68 3.38
C GLY A 111 12.22 7.70 1.86
N ARG A 112 13.37 7.99 1.28
CA ARG A 112 13.60 7.86 -0.16
C ARG A 112 15.01 7.30 -0.33
N TYR A 113 15.42 7.10 -1.59
CA TYR A 113 16.74 6.53 -1.89
C TYR A 113 16.85 5.14 -1.27
N GLU A 114 17.94 4.84 -0.56
CA GLU A 114 18.05 3.52 0.02
C GLU A 114 17.38 3.42 1.39
N GLY A 115 16.92 4.56 1.92
CA GLY A 115 16.31 4.60 3.23
C GLY A 115 17.02 5.60 4.13
N ILE A 116 16.70 5.51 5.42
CA ILE A 116 17.20 6.45 6.44
C ILE A 116 18.31 5.81 7.24
N ASP A 117 19.39 6.57 7.50
CA ASP A 117 20.46 6.12 8.38
C ASP A 117 19.84 5.42 9.58
N GLN A 118 20.27 4.18 9.86
CA GLN A 118 19.62 3.36 10.87
C GLN A 118 19.67 3.97 12.28
N ARG A 119 20.64 4.85 12.52
CA ARG A 119 20.74 5.46 13.84
C ARG A 119 19.56 6.37 14.20
N VAL A 120 18.85 6.87 13.19
CA VAL A 120 17.67 7.69 13.45
C VAL A 120 16.61 6.88 14.21
N ALA A 121 16.23 5.73 13.67
CA ALA A 121 15.24 4.87 14.29
C ALA A 121 15.76 4.30 15.60
N ASP A 122 17.03 3.91 15.61
CA ASP A 122 17.63 3.34 16.82
C ASP A 122 17.67 4.36 17.96
N ASP A 123 18.05 5.60 17.66
CA ASP A 123 18.02 6.66 18.66
C ASP A 123 16.58 6.94 19.13
N ALA A 124 15.65 7.05 18.18
CA ALA A 124 14.28 7.32 18.57
C ALA A 124 13.72 6.25 19.49
N ALA A 125 14.13 5.00 19.24
CA ALA A 125 13.62 3.86 20.00
C ALA A 125 14.09 3.84 21.46
N THR A 126 15.05 4.70 21.80
CA THR A 126 15.47 4.80 23.20
C THR A 126 14.54 5.72 24.01
N ARG A 127 13.60 6.41 23.35
CA ARG A 127 12.72 7.28 24.12
C ARG A 127 11.27 7.31 23.65
N MET A 128 10.95 6.52 22.64
CA MET A 128 9.57 6.36 22.19
C MET A 128 9.40 4.99 21.52
N ARG A 129 8.15 4.63 21.23
CA ARG A 129 7.87 3.37 20.55
C ARG A 129 8.08 3.55 19.05
N VAL A 130 8.89 2.69 18.45
CA VAL A 130 9.20 2.78 17.03
C VAL A 130 8.80 1.48 16.34
N ARG A 131 8.23 1.60 15.14
CA ARG A 131 7.77 0.44 14.37
C ARG A 131 8.23 0.55 12.93
N GLU A 132 9.18 -0.29 12.55
CA GLU A 132 9.59 -0.42 11.16
C GLU A 132 8.67 -1.44 10.48
N VAL A 133 7.96 -1.02 9.43
CA VAL A 133 6.96 -1.90 8.83
C VAL A 133 7.01 -1.86 7.32
N SER A 134 6.54 -2.94 6.69
CA SER A 134 6.40 -3.01 5.23
C SER A 134 4.96 -3.31 4.85
N ILE A 135 4.45 -2.64 3.81
CA ILE A 135 3.06 -2.87 3.41
C ILE A 135 2.89 -4.04 2.42
N GLY A 136 3.99 -4.65 1.98
CA GLY A 136 3.86 -5.82 1.12
C GLY A 136 5.15 -6.22 0.44
N ASP A 137 5.13 -7.36 -0.26
CA ASP A 137 6.35 -7.90 -0.81
C ASP A 137 6.62 -7.45 -2.24
N TYR A 138 6.88 -6.15 -2.36
CA TYR A 138 7.23 -5.50 -3.61
C TYR A 138 8.06 -4.30 -3.18
N VAL A 139 8.75 -3.71 -4.15
CA VAL A 139 9.66 -2.62 -3.86
C VAL A 139 9.10 -1.31 -4.41
N LEU A 140 9.06 -0.28 -3.57
CA LEU A 140 8.64 1.06 -3.96
C LEU A 140 9.85 1.97 -4.07
N ASN A 141 9.63 3.23 -4.47
CA ASN A 141 10.70 4.22 -4.53
C ASN A 141 10.92 4.91 -3.19
N GLY A 142 9.94 4.80 -2.29
CA GLY A 142 10.02 5.51 -1.04
C GLY A 142 8.81 5.23 -0.18
N GLY A 143 8.77 5.86 1.00
CA GLY A 143 7.73 5.55 1.96
C GLY A 143 6.37 6.20 1.78
N GLU A 144 6.25 7.13 0.84
CA GLU A 144 5.01 7.91 0.73
C GLU A 144 3.78 7.08 0.37
N ALA A 145 3.91 6.19 -0.61
CA ALA A 145 2.76 5.35 -0.98
C ALA A 145 2.38 4.43 0.18
N ALA A 146 3.38 3.99 0.94
CA ALA A 146 3.13 3.16 2.11
C ALA A 146 2.40 3.96 3.18
N ALA A 147 2.80 5.21 3.37
CA ALA A 147 2.10 6.09 4.30
C ALA A 147 0.63 6.26 3.90
N LEU A 148 0.35 6.42 2.61
CA LEU A 148 -1.04 6.56 2.18
C LEU A 148 -1.84 5.32 2.55
N VAL A 149 -1.25 4.15 2.33
CA VAL A 149 -1.92 2.90 2.66
C VAL A 149 -2.15 2.74 4.17
N ILE A 150 -1.11 3.00 4.95
CA ILE A 150 -1.23 2.90 6.39
C ILE A 150 -2.26 3.86 6.97
N ILE A 151 -2.23 5.11 6.50
CA ILE A 151 -3.16 6.11 6.99
C ILE A 151 -4.60 5.69 6.68
N GLU A 152 -4.84 5.21 5.45
CA GLU A 152 -6.20 4.81 5.11
C GLU A 152 -6.66 3.59 5.91
N ALA A 153 -5.78 2.59 6.03
CA ALA A 153 -6.13 1.36 6.74
C ALA A 153 -6.41 1.64 8.21
N VAL A 154 -5.67 2.59 8.79
CA VAL A 154 -5.83 2.91 10.20
C VAL A 154 -7.04 3.80 10.44
N LEU A 155 -7.18 4.87 9.66
CA LEU A 155 -8.24 5.83 9.93
C LEU A 155 -9.62 5.29 9.63
N ARG A 156 -9.72 4.30 8.74
CA ARG A 156 -11.04 3.76 8.47
C ARG A 156 -11.55 2.94 9.65
N LEU A 157 -10.67 2.65 10.61
CA LEU A 157 -11.04 1.92 11.82
C LEU A 157 -11.36 2.85 12.97
N VAL A 158 -11.10 4.14 12.78
CA VAL A 158 -11.50 5.15 13.77
C VAL A 158 -12.92 5.62 13.49
N PRO A 159 -13.84 5.34 14.41
CA PRO A 159 -15.27 5.63 14.20
C PRO A 159 -15.52 7.02 13.67
N GLY A 160 -16.11 7.11 12.48
CA GLY A 160 -16.53 8.37 11.89
C GLY A 160 -15.46 9.24 11.25
N VAL A 161 -14.28 8.70 10.98
CA VAL A 161 -13.23 9.54 10.43
C VAL A 161 -13.23 9.61 8.91
N LEU A 162 -13.37 8.48 8.22
CA LEU A 162 -13.27 8.49 6.76
C LEU A 162 -14.62 8.47 6.03
N GLY A 163 -15.70 8.28 6.77
CA GLY A 163 -17.03 8.29 6.20
C GLY A 163 -17.55 6.89 5.86
N ASN A 164 -16.84 5.88 6.31
CA ASN A 164 -17.20 4.49 6.01
C ASN A 164 -17.83 3.79 7.21
N ALA A 165 -18.44 2.62 6.95
CA ALA A 165 -19.01 1.81 8.01
C ALA A 165 -18.69 0.33 7.80
N SER A 179 -7.95 -15.92 7.72
CA SER A 179 -9.32 -16.41 7.67
C SER A 179 -9.69 -16.81 6.25
N LEU A 180 -10.77 -16.25 5.73
CA LEU A 180 -11.22 -16.55 4.37
C LEU A 180 -11.39 -15.29 3.54
N LEU A 181 -11.22 -15.43 2.23
CA LEU A 181 -11.45 -14.31 1.32
C LEU A 181 -12.94 -14.09 1.09
N GLU A 182 -13.30 -12.83 0.88
CA GLU A 182 -14.66 -12.47 0.46
C GLU A 182 -14.95 -13.01 -0.93
N GLY A 183 -16.15 -13.55 -1.13
CA GLY A 183 -16.53 -14.06 -2.43
C GLY A 183 -17.07 -12.96 -3.33
N PRO A 184 -17.60 -13.33 -4.50
CA PRO A 184 -18.10 -12.37 -5.49
C PRO A 184 -19.36 -11.66 -5.02
N SER A 185 -19.53 -10.42 -5.45
CA SER A 185 -20.72 -9.65 -5.13
CA SER A 185 -20.75 -9.71 -5.13
C SER A 185 -21.45 -9.26 -6.39
N TYR A 186 -22.76 -9.05 -6.27
CA TYR A 186 -23.60 -8.72 -7.41
C TYR A 186 -24.63 -7.66 -7.04
N THR A 187 -25.00 -6.83 -8.00
CA THR A 187 -26.15 -5.97 -7.81
C THR A 187 -26.90 -5.81 -9.14
N ARG A 188 -27.84 -4.87 -9.21
CA ARG A 188 -28.61 -4.66 -10.44
C ARG A 188 -27.73 -4.30 -11.62
N PRO A 189 -28.10 -4.76 -12.84
CA PRO A 189 -29.32 -5.49 -13.17
C PRO A 189 -29.19 -7.01 -13.00
N PRO A 190 -30.31 -7.73 -12.91
CA PRO A 190 -30.28 -9.18 -12.70
C PRO A 190 -29.62 -9.94 -13.84
N SER A 191 -29.66 -9.37 -15.04
CA SER A 191 -28.98 -9.95 -16.19
CA SER A 191 -29.01 -9.94 -16.21
C SER A 191 -28.21 -8.86 -16.93
N TRP A 192 -26.99 -9.18 -17.32
CA TRP A 192 -26.13 -8.18 -17.94
C TRP A 192 -25.10 -8.87 -18.83
N ARG A 193 -25.07 -8.48 -20.10
CA ARG A 193 -24.17 -9.05 -21.11
C ARG A 193 -24.16 -10.58 -21.06
N GLY A 194 -25.34 -11.15 -20.93
CA GLY A 194 -25.52 -12.59 -20.99
C GLY A 194 -25.22 -13.29 -19.68
N MET A 195 -24.94 -12.53 -18.63
CA MET A 195 -24.58 -13.13 -17.35
C MET A 195 -25.62 -12.82 -16.29
N ASP A 196 -26.25 -13.86 -15.77
CA ASP A 196 -27.27 -13.74 -14.73
C ASP A 196 -26.63 -13.76 -13.34
N VAL A 197 -27.17 -12.97 -12.43
CA VAL A 197 -26.80 -13.09 -11.03
C VAL A 197 -27.18 -14.50 -10.57
N PRO A 198 -26.31 -15.16 -9.78
CA PRO A 198 -26.64 -16.50 -9.28
C PRO A 198 -28.03 -16.55 -8.65
N PRO A 199 -28.92 -17.39 -9.19
CA PRO A 199 -30.32 -17.39 -8.73
C PRO A 199 -30.48 -17.60 -7.23
N VAL A 200 -29.56 -18.30 -6.59
CA VAL A 200 -29.67 -18.53 -5.15
C VAL A 200 -29.80 -17.19 -4.40
N LEU A 201 -29.14 -16.15 -4.92
CA LEU A 201 -29.13 -14.87 -4.22
C LEU A 201 -30.49 -14.18 -4.28
N LEU A 202 -31.34 -14.60 -5.21
CA LEU A 202 -32.68 -14.04 -5.33
C LEU A 202 -33.76 -14.98 -4.80
N SER A 203 -33.34 -16.02 -4.08
CA SER A 203 -34.23 -17.11 -3.66
C SER A 203 -35.00 -16.83 -2.37
N GLY A 204 -34.52 -15.90 -1.56
CA GLY A 204 -35.16 -15.64 -0.29
C GLY A 204 -34.94 -16.75 0.72
N ASP A 205 -33.99 -17.63 0.44
CA ASP A 205 -33.61 -18.69 1.37
C ASP A 205 -32.29 -18.27 1.98
N HIS A 206 -32.36 -17.60 3.12
CA HIS A 206 -31.17 -16.91 3.59
C HIS A 206 -30.16 -17.84 4.24
N ALA A 207 -30.59 -19.01 4.69
CA ALA A 207 -29.63 -19.99 5.17
C ALA A 207 -28.85 -20.56 3.99
N LYS A 208 -29.56 -20.85 2.92
CA LYS A 208 -28.91 -21.36 1.70
C LYS A 208 -27.98 -20.33 1.07
N ILE A 209 -28.38 -19.06 1.08
CA ILE A 209 -27.53 -17.97 0.60
C ILE A 209 -26.25 -17.91 1.41
N ALA A 210 -26.35 -17.99 2.73
CA ALA A 210 -25.15 -17.95 3.56
C ALA A 210 -24.23 -19.13 3.27
N ALA A 211 -24.80 -20.32 3.04
CA ALA A 211 -23.96 -21.48 2.75
C ALA A 211 -23.30 -21.36 1.39
N TRP A 212 -24.01 -20.76 0.44
CA TRP A 212 -23.46 -20.56 -0.89
C TRP A 212 -22.28 -19.59 -0.84
N ARG A 213 -22.47 -18.50 -0.08
CA ARG A 213 -21.42 -17.52 0.11
C ARG A 213 -20.22 -18.13 0.81
N ALA A 214 -20.48 -19.00 1.79
CA ALA A 214 -19.40 -19.65 2.51
C ALA A 214 -18.57 -20.52 1.57
N GLU A 215 -19.25 -21.26 0.70
CA GLU A 215 -18.57 -22.14 -0.25
C GLU A 215 -17.78 -21.32 -1.30
N GLN A 216 -18.36 -20.22 -1.75
CA GLN A 216 -17.64 -19.34 -2.67
C GLN A 216 -16.36 -18.81 -2.03
N SER A 217 -16.46 -18.45 -0.76
CA SER A 217 -15.32 -17.93 0.00
CA SER A 217 -15.30 -17.92 -0.02
C SER A 217 -14.24 -19.00 0.11
N ARG A 218 -14.66 -20.21 0.47
CA ARG A 218 -13.74 -21.33 0.51
C ARG A 218 -13.02 -21.57 -0.81
N GLN A 219 -13.79 -21.66 -1.90
CA GLN A 219 -13.19 -21.96 -3.20
C GLN A 219 -12.22 -20.86 -3.63
N ARG A 220 -12.58 -19.61 -3.36
CA ARG A 220 -11.73 -18.50 -3.78
C ARG A 220 -10.45 -18.47 -2.97
N THR A 221 -10.53 -18.81 -1.69
CA THR A 221 -9.36 -18.83 -0.83
C THR A 221 -8.40 -19.95 -1.28
N ILE A 222 -8.95 -21.13 -1.56
CA ILE A 222 -8.12 -22.23 -2.06
C ILE A 222 -7.39 -21.81 -3.34
N GLU A 223 -8.11 -21.15 -4.24
CA GLU A 223 -7.56 -20.79 -5.54
C GLU A 223 -6.54 -19.66 -5.44
N ARG A 224 -6.85 -18.64 -4.67
CA ARG A 224 -6.06 -17.40 -4.68
C ARG A 224 -5.09 -17.25 -3.51
N ARG A 225 -5.42 -17.86 -2.38
CA ARG A 225 -4.60 -17.70 -1.18
C ARG A 225 -4.49 -19.00 -0.39
N PRO A 226 -3.89 -20.04 -0.99
CA PRO A 226 -3.79 -21.31 -0.25
C PRO A 226 -2.98 -21.18 1.05
N ASP A 227 -2.20 -20.12 1.18
CA ASP A 227 -1.40 -19.89 2.38
C ASP A 227 -2.29 -19.62 3.59
N LEU A 228 -3.52 -19.16 3.34
CA LEU A 228 -4.46 -18.84 4.41
C LEU A 228 -5.08 -20.11 4.99
N LEU A 229 -4.83 -21.24 4.34
CA LEU A 229 -5.33 -22.51 4.80
C LEU A 229 -4.19 -23.42 5.26
N SER B 2 7.67 1.11 -24.06
CA SER B 2 6.59 2.08 -23.86
C SER B 2 5.45 1.44 -23.08
N MET B 3 4.87 2.18 -22.15
CA MET B 3 3.69 1.71 -21.42
C MET B 3 2.66 2.83 -21.25
N LYS B 4 1.40 2.49 -21.47
CA LYS B 4 0.29 3.39 -21.15
C LYS B 4 -0.46 2.83 -19.96
N ILE B 5 -0.76 3.67 -18.97
CA ILE B 5 -1.59 3.24 -17.85
C ILE B 5 -2.83 4.12 -17.76
N ASP B 6 -4.01 3.50 -17.76
CA ASP B 6 -5.27 4.21 -17.52
C ASP B 6 -5.84 3.78 -16.18
N VAL B 7 -6.24 4.75 -15.35
CA VAL B 7 -6.82 4.44 -14.05
C VAL B 7 -8.26 4.94 -14.04
N VAL B 8 -9.19 4.09 -13.66
CA VAL B 8 -10.60 4.47 -13.64
C VAL B 8 -11.09 4.46 -12.19
N THR B 9 -11.78 5.53 -11.80
CA THR B 9 -12.11 5.72 -10.39
C THR B 9 -13.24 6.72 -10.27
N ILE B 10 -14.01 6.64 -9.18
CA ILE B 10 -14.97 7.71 -8.91
C ILE B 10 -14.37 8.81 -8.06
N PHE B 11 -13.09 8.65 -7.68
CA PHE B 11 -12.35 9.69 -6.98
C PHE B 11 -11.04 10.07 -7.69
N PRO B 12 -11.12 10.68 -8.88
CA PRO B 12 -9.92 11.03 -9.65
C PRO B 12 -8.95 11.92 -8.89
N GLU B 13 -9.48 12.75 -7.99
CA GLU B 13 -8.66 13.62 -7.15
C GLU B 13 -7.60 12.86 -6.34
N TYR B 14 -7.93 11.65 -5.89
CA TYR B 14 -7.00 10.86 -5.09
C TYR B 14 -5.79 10.35 -5.89
N LEU B 15 -5.87 10.41 -7.21
CA LEU B 15 -4.79 9.86 -8.05
C LEU B 15 -3.75 10.92 -8.44
N GLN B 16 -3.93 12.15 -7.94
CA GLN B 16 -3.00 13.26 -8.20
C GLN B 16 -1.50 12.98 -8.03
N PRO B 17 -1.08 12.14 -7.05
CA PRO B 17 0.37 11.89 -6.92
C PRO B 17 1.11 11.41 -8.16
N VAL B 18 0.42 10.84 -9.14
CA VAL B 18 1.10 10.46 -10.39
C VAL B 18 1.32 11.68 -11.27
N GLY B 30 8.43 10.11 -20.48
CA GLY B 30 8.21 9.99 -21.91
C GLY B 30 7.98 8.56 -22.35
N LEU B 31 8.57 7.62 -21.62
CA LEU B 31 8.42 6.20 -21.94
C LEU B 31 7.09 5.66 -21.42
N VAL B 32 6.49 6.40 -20.49
CA VAL B 32 5.21 6.00 -19.92
C VAL B 32 4.27 7.20 -19.79
N ASP B 33 2.99 6.95 -20.02
CA ASP B 33 1.96 7.95 -19.74
C ASP B 33 0.91 7.35 -18.83
N VAL B 34 0.46 8.13 -17.86
CA VAL B 34 -0.60 7.69 -16.96
C VAL B 34 -1.80 8.62 -17.12
N ALA B 35 -2.97 8.05 -17.35
CA ALA B 35 -4.18 8.86 -17.46
C ALA B 35 -5.22 8.42 -16.43
N VAL B 36 -5.90 9.39 -15.83
CA VAL B 36 -6.93 9.14 -14.82
C VAL B 36 -8.30 9.52 -15.37
N HIS B 37 -9.26 8.61 -15.20
CA HIS B 37 -10.61 8.80 -15.74
C HIS B 37 -11.68 8.72 -14.65
N ASP B 38 -12.55 9.73 -14.61
CA ASP B 38 -13.72 9.72 -13.73
C ASP B 38 -14.76 8.75 -14.26
N LEU B 39 -15.09 7.74 -13.47
CA LEU B 39 -16.04 6.71 -13.89
C LEU B 39 -17.41 7.31 -14.23
N ARG B 40 -17.78 8.38 -13.52
CA ARG B 40 -19.11 8.98 -13.68
C ARG B 40 -19.30 9.60 -15.06
N ARG B 41 -18.22 9.75 -15.81
CA ARG B 41 -18.31 10.29 -17.17
C ARG B 41 -19.09 9.33 -18.07
N TRP B 42 -19.26 8.09 -17.63
CA TRP B 42 -19.95 7.09 -18.43
C TRP B 42 -21.37 6.79 -17.92
N THR B 43 -21.87 7.60 -17.00
CA THR B 43 -23.22 7.40 -16.48
C THR B 43 -24.25 8.06 -17.39
N SER B 49 -25.84 7.38 -10.71
CA SER B 49 -25.73 6.46 -9.58
C SER B 49 -24.98 5.19 -9.98
N VAL B 50 -23.82 4.97 -9.37
CA VAL B 50 -22.95 3.87 -9.79
C VAL B 50 -23.05 2.64 -8.90
N ASP B 51 -23.91 2.69 -7.90
CA ASP B 51 -23.95 1.60 -6.91
C ASP B 51 -25.36 1.26 -6.45
N ASP B 52 -25.54 0.05 -5.91
CA ASP B 52 -26.82 -0.33 -5.34
C ASP B 52 -26.60 -1.48 -4.33
N SER B 53 -27.65 -1.82 -3.58
CA SER B 53 -27.55 -2.86 -2.54
C SER B 53 -27.23 -4.21 -3.14
N PRO B 54 -26.53 -5.08 -2.38
CA PRO B 54 -26.15 -6.39 -2.93
C PRO B 54 -27.31 -7.36 -3.08
N TYR B 55 -27.33 -8.07 -4.20
CA TYR B 55 -28.24 -9.20 -4.29
C TYR B 55 -27.86 -10.21 -3.21
N GLY B 56 -28.87 -10.81 -2.58
CA GLY B 56 -28.62 -11.74 -1.49
C GLY B 56 -28.48 -11.08 -0.13
N GLY B 57 -28.46 -9.75 -0.12
CA GLY B 57 -28.38 -9.06 1.15
C GLY B 57 -26.97 -8.78 1.67
N GLY B 58 -26.91 -8.06 2.77
CA GLY B 58 -25.63 -7.73 3.38
C GLY B 58 -25.44 -6.24 3.51
N PRO B 59 -24.44 -5.83 4.28
CA PRO B 59 -24.23 -4.40 4.46
C PRO B 59 -23.56 -3.77 3.26
N GLY B 60 -23.74 -2.47 3.11
CA GLY B 60 -23.01 -1.72 2.13
C GLY B 60 -23.59 -1.85 0.75
N MET B 61 -22.79 -1.42 -0.22
CA MET B 61 -23.27 -1.28 -1.58
C MET B 61 -22.28 -1.92 -2.53
N VAL B 62 -22.73 -2.21 -3.74
CA VAL B 62 -21.89 -2.81 -4.77
C VAL B 62 -21.91 -1.91 -6.00
N MET B 63 -20.78 -1.75 -6.66
CA MET B 63 -20.79 -0.96 -7.89
C MET B 63 -21.47 -1.73 -9.02
N LYS B 64 -22.42 -1.07 -9.69
CA LYS B 64 -23.16 -1.68 -10.80
C LYS B 64 -22.24 -1.99 -11.99
N PRO B 65 -22.51 -3.09 -12.70
CA PRO B 65 -21.64 -3.44 -13.81
C PRO B 65 -21.82 -2.57 -15.04
N THR B 66 -22.97 -1.92 -15.15
CA THR B 66 -23.34 -1.22 -16.38
C THR B 66 -22.36 -0.10 -16.71
N VAL B 67 -22.10 0.76 -15.74
CA VAL B 67 -21.23 1.91 -15.95
C VAL B 67 -19.80 1.46 -16.23
N TRP B 68 -19.36 0.45 -15.49
CA TRP B 68 -18.02 -0.09 -15.70
C TRP B 68 -17.86 -0.68 -17.09
N GLY B 69 -18.87 -1.41 -17.55
CA GLY B 69 -18.83 -2.02 -18.87
C GLY B 69 -18.62 -0.96 -19.95
N ASP B 70 -19.36 0.14 -19.86
CA ASP B 70 -19.27 1.20 -20.85
C ASP B 70 -17.89 1.88 -20.81
N ALA B 71 -17.40 2.13 -19.60
CA ALA B 71 -16.07 2.73 -19.46
C ALA B 71 -14.98 1.83 -20.05
N LEU B 72 -15.02 0.54 -19.70
CA LEU B 72 -13.96 -0.35 -20.13
C LEU B 72 -14.04 -0.65 -21.62
N ASP B 73 -15.26 -0.66 -22.16
CA ASP B 73 -15.46 -0.81 -23.60
C ASP B 73 -14.65 0.22 -24.37
N GLU B 74 -14.66 1.45 -23.85
CA GLU B 74 -14.02 2.57 -24.52
C GLU B 74 -12.51 2.57 -24.31
N ILE B 75 -12.09 2.21 -23.10
CA ILE B 75 -10.71 2.36 -22.69
C ILE B 75 -9.83 1.17 -23.07
N CYS B 76 -10.41 -0.03 -23.01
CA CYS B 76 -9.64 -1.26 -23.17
C CYS B 76 -9.62 -1.78 -24.60
N THR B 77 -8.54 -2.47 -24.93
CA THR B 77 -8.51 -3.29 -26.14
C THR B 77 -8.23 -4.73 -25.74
N SER B 78 -8.15 -5.61 -26.74
CA SER B 78 -7.86 -7.02 -26.50
C SER B 78 -6.44 -7.24 -25.96
N GLU B 79 -5.56 -6.27 -26.11
CA GLU B 79 -4.19 -6.40 -25.64
C GLU B 79 -4.02 -5.85 -24.21
N THR B 80 -5.06 -5.22 -23.70
CA THR B 80 -5.04 -4.61 -22.37
C THR B 80 -4.89 -5.64 -21.26
N LEU B 81 -4.08 -5.31 -20.26
CA LEU B 81 -4.09 -6.08 -19.00
C LEU B 81 -4.97 -5.31 -18.02
N LEU B 82 -6.14 -5.86 -17.71
CA LEU B 82 -7.06 -5.23 -16.78
C LEU B 82 -6.70 -5.60 -15.36
N VAL B 83 -6.31 -4.60 -14.57
CA VAL B 83 -5.91 -4.83 -13.18
C VAL B 83 -7.03 -4.36 -12.26
N VAL B 84 -7.46 -5.25 -11.37
CA VAL B 84 -8.56 -4.90 -10.47
C VAL B 84 -8.15 -5.12 -9.03
N PRO B 85 -7.76 -4.04 -8.33
CA PRO B 85 -7.45 -4.18 -6.91
C PRO B 85 -8.64 -4.68 -6.11
N THR B 86 -8.39 -5.58 -5.16
CA THR B 86 -9.45 -6.12 -4.31
C THR B 86 -8.83 -6.85 -3.15
N PRO B 87 -9.42 -6.75 -1.95
CA PRO B 87 -8.86 -7.45 -0.80
C PRO B 87 -8.88 -8.95 -1.01
N ALA B 88 -9.71 -9.41 -1.92
CA ALA B 88 -9.83 -10.83 -2.19
C ALA B 88 -9.01 -11.26 -3.41
N GLY B 89 -8.02 -10.46 -3.80
CA GLY B 89 -7.25 -10.77 -5.00
C GLY B 89 -6.10 -11.75 -4.79
N TYR B 90 -5.50 -12.20 -5.88
CA TYR B 90 -4.23 -12.90 -5.82
C TYR B 90 -3.19 -11.89 -5.29
N PRO B 91 -2.16 -12.36 -4.57
CA PRO B 91 -1.19 -11.36 -4.08
C PRO B 91 -0.44 -10.65 -5.19
N PHE B 92 -0.34 -9.33 -5.07
CA PHE B 92 0.54 -8.55 -5.90
C PHE B 92 1.91 -8.55 -5.22
N THR B 93 2.93 -9.07 -5.91
CA THR B 93 4.29 -9.17 -5.39
C THR B 93 5.30 -8.59 -6.37
N GLN B 94 6.58 -8.57 -5.98
CA GLN B 94 7.61 -8.09 -6.89
C GLN B 94 7.65 -8.89 -8.18
N GLU B 95 7.34 -10.18 -8.11
CA GLU B 95 7.27 -11.00 -9.30
C GLU B 95 6.18 -10.48 -10.25
N THR B 96 5.03 -10.12 -9.68
CA THR B 96 3.96 -9.52 -10.47
C THR B 96 4.42 -8.22 -11.11
N ALA B 97 5.15 -7.41 -10.34
CA ALA B 97 5.62 -6.13 -10.87
C ALA B 97 6.56 -6.37 -12.06
N TRP B 98 7.46 -7.32 -11.95
CA TRP B 98 8.32 -7.69 -13.08
C TRP B 98 7.51 -8.13 -14.29
N GLN B 99 6.52 -8.98 -14.06
CA GLN B 99 5.71 -9.49 -15.16
C GLN B 99 4.98 -8.35 -15.88
N TRP B 100 4.43 -7.42 -15.12
CA TRP B 100 3.65 -6.35 -15.70
C TRP B 100 4.52 -5.24 -16.31
N SER B 101 5.80 -5.22 -15.95
CA SER B 101 6.69 -4.14 -16.39
C SER B 101 6.89 -4.11 -17.91
N THR B 102 6.61 -5.22 -18.60
CA THR B 102 6.79 -5.27 -20.03
C THR B 102 5.46 -5.24 -20.77
N GLU B 103 4.40 -4.79 -20.10
CA GLU B 103 3.09 -4.65 -20.75
C GLU B 103 2.99 -3.35 -21.51
N ASP B 104 2.24 -3.36 -22.61
CA ASP B 104 1.99 -2.14 -23.37
C ASP B 104 0.91 -1.29 -22.74
N HIS B 105 -0.07 -1.92 -22.11
CA HIS B 105 -1.27 -1.21 -21.66
C HIS B 105 -1.87 -1.80 -20.38
N LEU B 106 -1.73 -1.09 -19.27
CA LEU B 106 -2.41 -1.44 -18.04
C LEU B 106 -3.63 -0.56 -17.84
N VAL B 107 -4.76 -1.17 -17.51
CA VAL B 107 -5.92 -0.41 -17.09
C VAL B 107 -6.27 -0.84 -15.67
N ILE B 108 -6.33 0.12 -14.75
CA ILE B 108 -6.56 -0.22 -13.35
C ILE B 108 -7.94 0.25 -12.95
N ALA B 109 -8.82 -0.71 -12.68
CA ALA B 109 -10.19 -0.40 -12.33
C ALA B 109 -10.34 -0.30 -10.82
N CYS B 110 -10.53 0.91 -10.31
CA CYS B 110 -10.59 1.13 -8.87
C CYS B 110 -12.01 1.11 -8.31
N GLY B 111 -12.29 0.16 -7.44
CA GLY B 111 -13.59 0.07 -6.82
C GLY B 111 -13.72 0.89 -5.55
N ARG B 112 -14.96 1.03 -5.10
CA ARG B 112 -15.29 1.64 -3.81
C ARG B 112 -16.44 0.82 -3.22
N TYR B 113 -16.97 1.26 -2.08
CA TYR B 113 -18.01 0.52 -1.37
C TYR B 113 -17.54 -0.91 -1.11
N GLU B 114 -18.36 -1.91 -1.39
CA GLU B 114 -17.96 -3.28 -1.11
C GLU B 114 -17.28 -3.91 -2.30
N GLY B 115 -17.08 -3.12 -3.34
CA GLY B 115 -16.41 -3.59 -4.53
C GLY B 115 -17.28 -3.51 -5.77
N ILE B 116 -16.82 -4.17 -6.82
CA ILE B 116 -17.44 -4.09 -8.14
C ILE B 116 -18.14 -5.40 -8.45
N ASP B 117 -19.36 -5.33 -8.99
CA ASP B 117 -20.09 -6.51 -9.45
C ASP B 117 -19.16 -7.48 -10.17
N GLN B 118 -19.17 -8.75 -9.78
CA GLN B 118 -18.20 -9.71 -10.31
C GLN B 118 -18.30 -9.87 -11.83
N ARG B 119 -19.45 -9.54 -12.41
CA ARG B 119 -19.62 -9.75 -13.84
C ARG B 119 -18.75 -8.79 -14.68
N VAL B 120 -18.30 -7.70 -14.08
CA VAL B 120 -17.43 -6.77 -14.80
C VAL B 120 -16.12 -7.48 -15.19
N ALA B 121 -15.47 -8.08 -14.20
CA ALA B 121 -14.25 -8.84 -14.45
C ALA B 121 -14.53 -10.04 -15.35
N ASP B 122 -15.66 -10.70 -15.14
CA ASP B 122 -15.99 -11.88 -15.93
C ASP B 122 -16.22 -11.53 -17.41
N ASP B 123 -16.97 -10.48 -17.67
CA ASP B 123 -17.20 -10.00 -19.02
C ASP B 123 -15.88 -9.60 -19.68
N ALA B 124 -15.06 -8.83 -18.94
CA ALA B 124 -13.79 -8.36 -19.49
C ALA B 124 -12.88 -9.53 -19.88
N ALA B 125 -12.93 -10.61 -19.10
CA ALA B 125 -12.03 -11.74 -19.35
C ALA B 125 -12.36 -12.48 -20.65
N THR B 126 -13.55 -12.26 -21.19
CA THR B 126 -13.91 -12.84 -22.49
C THR B 126 -13.20 -12.15 -23.63
N ARG B 127 -12.62 -10.98 -23.38
CA ARG B 127 -11.95 -10.26 -24.47
C ARG B 127 -10.52 -9.79 -24.16
N MET B 128 -10.13 -9.81 -22.88
CA MET B 128 -8.78 -9.40 -22.51
C MET B 128 -8.31 -10.19 -21.29
N ARG B 129 -7.05 -10.01 -20.92
CA ARG B 129 -6.53 -10.62 -19.71
C ARG B 129 -6.91 -9.78 -18.50
N VAL B 130 -7.34 -10.44 -17.44
CA VAL B 130 -7.81 -9.76 -16.23
C VAL B 130 -7.06 -10.29 -15.02
N ARG B 131 -6.63 -9.38 -14.14
CA ARG B 131 -5.93 -9.79 -12.92
C ARG B 131 -6.53 -9.12 -11.70
N GLU B 132 -7.20 -9.90 -10.85
CA GLU B 132 -7.66 -9.41 -9.55
C GLU B 132 -6.55 -9.60 -8.52
N VAL B 133 -6.07 -8.51 -7.93
CA VAL B 133 -4.93 -8.57 -7.03
C VAL B 133 -5.12 -7.77 -5.77
N SER B 134 -4.43 -8.19 -4.71
CA SER B 134 -4.37 -7.46 -3.44
C SER B 134 -2.96 -7.04 -3.13
N ILE B 135 -2.77 -5.82 -2.65
CA ILE B 135 -1.43 -5.35 -2.30
C ILE B 135 -1.00 -5.72 -0.88
N GLY B 136 -1.88 -6.32 -0.09
CA GLY B 136 -1.51 -6.73 1.24
C GLY B 136 -2.68 -7.12 2.12
N ASP B 137 -2.37 -7.67 3.29
CA ASP B 137 -3.41 -8.20 4.17
C ASP B 137 -3.89 -7.18 5.19
N TYR B 138 -4.58 -6.17 4.67
CA TYR B 138 -5.21 -5.12 5.44
C TYR B 138 -6.32 -4.62 4.55
N VAL B 139 -7.24 -3.86 5.12
CA VAL B 139 -8.42 -3.41 4.40
C VAL B 139 -8.36 -1.91 4.13
N LEU B 140 -8.62 -1.55 2.87
CA LEU B 140 -8.72 -0.16 2.46
C LEU B 140 -10.19 0.21 2.20
N ASN B 141 -10.46 1.48 1.93
CA ASN B 141 -11.83 1.87 1.56
C ASN B 141 -12.08 1.78 0.05
N GLY B 142 -11.04 1.59 -0.75
CA GLY B 142 -11.21 1.52 -2.19
C GLY B 142 -9.89 1.21 -2.87
N GLY B 143 -9.93 1.10 -4.20
CA GLY B 143 -8.77 0.65 -4.95
C GLY B 143 -7.69 1.69 -5.24
N GLU B 144 -7.98 2.96 -4.95
CA GLU B 144 -7.11 4.05 -5.40
C GLU B 144 -5.70 3.99 -4.80
N ALA B 145 -5.60 3.76 -3.50
CA ALA B 145 -4.27 3.69 -2.88
C ALA B 145 -3.51 2.47 -3.41
N ALA B 146 -4.23 1.38 -3.63
CA ALA B 146 -3.60 0.20 -4.23
C ALA B 146 -3.10 0.49 -5.65
N ALA B 147 -3.88 1.26 -6.43
CA ALA B 147 -3.44 1.66 -7.77
C ALA B 147 -2.12 2.43 -7.70
N LEU B 148 -1.99 3.36 -6.75
CA LEU B 148 -0.75 4.12 -6.62
C LEU B 148 0.45 3.23 -6.29
N VAL B 149 0.25 2.26 -5.40
CA VAL B 149 1.29 1.29 -5.05
C VAL B 149 1.70 0.47 -6.26
N ILE B 150 0.70 -0.07 -6.98
CA ILE B 150 0.98 -0.90 -8.14
C ILE B 150 1.73 -0.11 -9.22
N ILE B 151 1.26 1.11 -9.51
CA ILE B 151 1.90 1.93 -10.51
C ILE B 151 3.35 2.21 -10.13
N GLU B 152 3.60 2.56 -8.89
CA GLU B 152 4.96 2.87 -8.48
C GLU B 152 5.87 1.65 -8.58
N ALA B 153 5.39 0.49 -8.13
CA ALA B 153 6.20 -0.73 -8.15
C ALA B 153 6.51 -1.17 -9.56
N VAL B 154 5.56 -0.97 -10.47
CA VAL B 154 5.73 -1.40 -11.86
C VAL B 154 6.63 -0.44 -12.62
N LEU B 155 6.35 0.86 -12.51
CA LEU B 155 7.03 1.84 -13.34
C LEU B 155 8.54 1.91 -13.06
N ARG B 156 8.95 1.58 -11.85
CA ARG B 156 10.39 1.63 -11.58
C ARG B 156 11.15 0.46 -12.23
N LEU B 157 10.41 -0.50 -12.77
CA LEU B 157 11.02 -1.65 -13.47
C LEU B 157 10.92 -1.58 -15.00
N VAL B 158 10.17 -0.61 -15.52
CA VAL B 158 9.97 -0.54 -16.98
C VAL B 158 11.30 -0.30 -17.66
N PRO B 159 11.63 -1.12 -18.69
CA PRO B 159 12.93 -1.03 -19.35
C PRO B 159 13.24 0.39 -19.79
N GLY B 160 14.38 0.91 -19.34
CA GLY B 160 14.73 2.30 -19.56
C GLY B 160 14.29 3.19 -18.41
N VAL B 161 14.30 2.66 -17.20
CA VAL B 161 13.96 3.44 -16.01
C VAL B 161 14.77 2.97 -14.80
N SER B 179 13.05 -13.17 -1.28
CA SER B 179 14.47 -13.42 -1.15
C SER B 179 14.92 -13.19 0.28
N LEU B 180 15.54 -12.03 0.51
CA LEU B 180 16.08 -11.72 1.82
C LEU B 180 15.87 -10.24 2.09
N LEU B 181 15.72 -9.87 3.36
CA LEU B 181 15.53 -8.45 3.70
C LEU B 181 16.84 -7.70 3.69
N GLU B 182 16.78 -6.43 3.28
CA GLU B 182 17.95 -5.59 3.29
C GLU B 182 18.35 -5.25 4.72
N GLY B 183 19.64 -5.12 4.94
CA GLY B 183 20.12 -4.70 6.25
C GLY B 183 20.14 -3.20 6.38
N PRO B 184 20.69 -2.71 7.48
CA PRO B 184 20.73 -1.26 7.76
C PRO B 184 21.72 -0.51 6.89
N SER B 185 21.45 0.78 6.68
CA SER B 185 22.31 1.69 5.93
CA SER B 185 22.34 1.66 5.95
C SER B 185 22.77 2.83 6.82
N TYR B 186 23.93 3.41 6.50
CA TYR B 186 24.52 4.49 7.27
C TYR B 186 25.20 5.50 6.38
N THR B 187 25.24 6.75 6.84
CA THR B 187 26.04 7.73 6.14
C THR B 187 26.65 8.70 7.16
N ARG B 188 27.25 9.79 6.70
CA ARG B 188 28.02 10.67 7.59
C ARG B 188 27.12 11.44 8.56
N PRO B 189 27.63 11.78 9.77
CA PRO B 189 28.99 11.56 10.31
C PRO B 189 29.17 10.17 10.89
N PRO B 190 30.43 9.73 11.06
CA PRO B 190 30.63 8.35 11.52
C PRO B 190 30.24 8.14 12.99
N SER B 191 30.13 9.23 13.74
CA SER B 191 29.63 9.20 15.10
C SER B 191 28.55 10.27 15.22
N TRP B 192 27.37 9.89 15.68
CA TRP B 192 26.24 10.80 15.83
C TRP B 192 25.47 10.52 17.11
N ARG B 193 25.33 11.53 17.97
CA ARG B 193 24.65 11.37 19.26
C ARG B 193 25.24 10.22 20.07
N GLY B 194 26.55 10.00 19.88
CA GLY B 194 27.22 8.93 20.60
C GLY B 194 26.94 7.55 20.04
N MET B 195 26.36 7.49 18.85
CA MET B 195 26.12 6.24 18.13
C MET B 195 27.05 6.11 16.95
N ASP B 196 27.82 5.03 16.89
CA ASP B 196 28.81 4.85 15.83
C ASP B 196 28.28 4.06 14.65
N VAL B 197 28.70 4.45 13.45
CA VAL B 197 28.54 3.57 12.30
C VAL B 197 29.34 2.30 12.60
N PRO B 198 28.76 1.11 12.34
CA PRO B 198 29.53 -0.12 12.56
C PRO B 198 30.90 -0.03 11.93
N PRO B 199 31.97 -0.22 12.74
CA PRO B 199 33.34 0.05 12.29
C PRO B 199 33.75 -0.71 11.03
N VAL B 200 33.18 -1.88 10.79
CA VAL B 200 33.50 -2.66 9.60
C VAL B 200 33.20 -1.83 8.34
N LEU B 201 32.17 -1.00 8.40
CA LEU B 201 31.75 -0.23 7.22
C LEU B 201 32.73 0.88 6.89
N LEU B 202 33.65 1.15 7.82
CA LEU B 202 34.64 2.21 7.64
C LEU B 202 36.01 1.61 7.30
N SER B 203 36.09 0.29 7.35
CA SER B 203 37.36 -0.42 7.25
C SER B 203 37.89 -0.52 5.82
N GLY B 204 36.99 -0.46 4.83
CA GLY B 204 37.40 -0.59 3.44
C GLY B 204 37.65 -2.02 3.02
N ASP B 205 37.35 -2.97 3.91
CA ASP B 205 37.51 -4.39 3.61
C ASP B 205 36.22 -4.96 3.02
N HIS B 206 36.17 -5.07 1.70
CA HIS B 206 34.96 -5.49 0.99
C HIS B 206 34.42 -6.84 1.45
N ALA B 207 35.30 -7.80 1.64
CA ALA B 207 34.87 -9.14 2.04
C ALA B 207 34.21 -9.11 3.42
N LYS B 208 34.83 -8.41 4.37
CA LYS B 208 34.27 -8.31 5.70
C LYS B 208 32.97 -7.51 5.68
N ILE B 209 32.91 -6.50 4.83
CA ILE B 209 31.72 -5.66 4.72
C ILE B 209 30.57 -6.46 4.12
N ALA B 210 30.88 -7.24 3.08
CA ALA B 210 29.88 -8.11 2.48
C ALA B 210 29.37 -9.14 3.48
N ALA B 211 30.28 -9.69 4.28
CA ALA B 211 29.93 -10.72 5.26
C ALA B 211 29.05 -10.16 6.36
N TRP B 212 29.40 -8.99 6.86
CA TRP B 212 28.64 -8.35 7.92
C TRP B 212 27.25 -8.00 7.43
N ARG B 213 27.17 -7.52 6.19
CA ARG B 213 25.88 -7.14 5.61
C ARG B 213 24.99 -8.35 5.41
N ALA B 214 25.60 -9.49 5.07
CA ALA B 214 24.85 -10.73 4.92
C ALA B 214 24.30 -11.17 6.28
N GLU B 215 25.12 -11.03 7.31
CA GLU B 215 24.71 -11.40 8.66
C GLU B 215 23.58 -10.52 9.20
N GLN B 216 23.66 -9.21 8.97
CA GLN B 216 22.58 -8.31 9.38
C GLN B 216 21.29 -8.69 8.67
N SER B 217 21.45 -8.97 7.40
CA SER B 217 20.36 -9.30 6.52
CA SER B 217 20.31 -9.32 6.55
C SER B 217 19.68 -10.62 7.00
N ARG B 218 20.48 -11.62 7.29
CA ARG B 218 19.96 -12.91 7.79
CA ARG B 218 19.85 -12.87 7.70
C ARG B 218 19.25 -12.71 9.11
N GLN B 219 19.89 -11.95 9.98
CA GLN B 219 19.36 -11.64 11.30
C GLN B 219 17.97 -10.99 11.18
N ARG B 220 17.88 -10.02 10.28
CA ARG B 220 16.65 -9.26 10.09
C ARG B 220 15.53 -10.11 9.52
N THR B 221 15.89 -11.01 8.62
CA THR B 221 14.88 -11.84 7.98
C THR B 221 14.31 -12.85 8.95
N ILE B 222 15.19 -13.52 9.69
CA ILE B 222 14.74 -14.42 10.75
C ILE B 222 13.78 -13.75 11.72
N GLU B 223 14.16 -12.54 12.15
CA GLU B 223 13.39 -11.78 13.12
C GLU B 223 12.05 -11.29 12.58
N ARG B 224 12.08 -10.72 11.39
CA ARG B 224 10.93 -9.98 10.86
C ARG B 224 10.11 -10.72 9.83
N ARG B 225 10.76 -11.56 9.02
CA ARG B 225 10.06 -12.27 7.97
C ARG B 225 10.53 -13.71 7.87
N PRO B 226 10.34 -14.50 8.95
CA PRO B 226 10.86 -15.87 8.93
C PRO B 226 10.25 -16.71 7.81
N ASP B 227 9.07 -16.33 7.35
CA ASP B 227 8.42 -17.04 6.26
C ASP B 227 9.27 -17.03 4.98
N LEU B 228 10.07 -15.97 4.78
CA LEU B 228 10.89 -15.88 3.56
C LEU B 228 11.97 -16.96 3.52
N LEU B 229 12.34 -17.48 4.67
CA LEU B 229 13.35 -18.52 4.77
C LEU B 229 12.71 -19.86 5.09
N GLY B 230 11.39 -19.93 4.94
CA GLY B 230 10.67 -21.18 5.12
C GLY B 230 10.46 -21.59 6.56
N PHE B 231 10.30 -20.62 7.47
CA PHE B 231 9.94 -20.91 8.85
C PHE B 231 8.54 -20.41 9.19
N ASP B 232 7.98 -20.90 10.29
CA ASP B 232 6.66 -20.47 10.74
C ASP B 232 6.62 -18.97 11.04
N SER B 233 5.48 -18.35 10.74
CA SER B 233 5.26 -16.95 11.06
C SER B 233 4.90 -16.82 12.54
N PRO B 234 5.28 -15.70 13.17
CA PRO B 234 5.07 -15.50 14.61
C PRO B 234 3.60 -15.52 15.02
N THR B 235 3.34 -16.00 16.24
CA THR B 235 2.00 -16.01 16.84
C THR B 235 0.91 -16.51 15.89
C10 JFB C . 9.50 1.98 2.05
C13 JFB C . 11.60 2.67 0.30
C17 JFB C . 14.07 1.49 -1.51
C21 JFB C . 15.07 -0.49 -2.43
C22 JFB C . 14.26 0.61 -2.59
C24 JFB C . 12.50 4.37 1.49
N01 JFB C . 6.51 -2.67 0.83
C02 JFB C . 7.51 -1.69 0.48
N03 JFB C . 8.26 -1.69 -0.62
N04 JFB C . 9.10 -0.58 -0.56
C05 JFB C . 8.84 0.11 0.49
C06 JFB C . 7.86 -0.58 1.24
C07 JFB C . 7.22 -0.24 2.54
N08 JFB C . 6.71 -0.02 3.49
C09 JFB C . 9.68 1.32 0.85
C11 JFB C . 10.36 3.03 2.38
C12 JFB C . 11.42 3.37 1.48
C14 JFB C . 10.74 1.62 -0.02
N15 JFB C . 12.68 3.19 -0.37
C16 JFB C . 13.19 2.73 -1.66
C18 JFB C . 14.78 1.21 -0.27
C19 JFB C . 15.59 0.07 -0.20
N20 JFB C . 15.71 -0.72 -1.23
C23 JFB C . 13.22 4.22 0.35
S SO4 D . 9.96 3.38 25.40
O1 SO4 D . 9.30 4.51 24.72
O2 SO4 D . 9.40 2.14 24.85
O3 SO4 D . 9.78 3.40 26.84
O4 SO4 D . 11.41 3.40 25.07
C10 JFB E . -9.21 -2.72 -3.01
C13 JFB E . -11.59 -2.02 -1.73
C17 JFB E . -13.66 -2.93 0.60
C21 JFB E . -13.85 -4.48 2.44
C22 JFB E . -13.51 -3.24 1.95
C24 JFB E . -12.84 -1.51 -3.54
N01 JFB E . -5.01 -4.92 0.01
C02 JFB E . -6.30 -4.27 -0.05
N03 JFB E . -7.08 -3.99 0.98
N04 JFB E . -8.23 -3.39 0.48
C05 JFB E . -8.16 -3.27 -0.79
C06 JFB E . -6.94 -3.87 -1.21
C07 JFB E . -6.32 -4.03 -2.53
N08 JFB E . -5.79 -4.18 -3.47
C09 JFB E . -9.29 -2.74 -1.64
C11 JFB E . -10.30 -2.32 -3.78
C12 JFB E . -11.52 -1.96 -3.10
C14 JFB E . -10.49 -2.41 -0.96
N15 JFB E . -12.86 -1.62 -1.34
C16 JFB E . -13.29 -1.55 0.06
C18 JFB E . -14.18 -3.98 -0.25
C19 JFB E . -14.52 -5.22 0.32
N20 JFB E . -14.35 -5.45 1.58
C23 JFB E . -13.62 -1.33 -2.42
#